data_7D8P
#
_entry.id   7D8P
#
_cell.length_a   71.466
_cell.length_b   83.533
_cell.length_c   112.077
_cell.angle_alpha   90.000
_cell.angle_beta   90.000
_cell.angle_gamma   90.000
#
_symmetry.space_group_name_H-M   'P 21 21 21'
#
loop_
_entity.id
_entity.type
_entity.pdbx_description
1 polymer '14-3-3 protein zeta/delta'
2 polymer 'CRTC1 pSer151 peptide'
3 non-polymer GLYCEROL
4 water water
#
loop_
_entity_poly.entity_id
_entity_poly.type
_entity_poly.pdbx_seq_one_letter_code
_entity_poly.pdbx_strand_id
1 'polypeptide(L)'
;MGSSHHHHHHSSGLVPRGSHMDKNELVQKAKLAEQAERYDDMAACMKSVTEQGAELSNEERNLLSVAYKNVVGARRSSWR
VVSSIEQKTEGAEKKQQMAREYREKIETELRDICNDVLSLLEKFLIPNASQAESKVFYLKMKGDYYRYLAEVAAGDDKKG
IVDQSQQAYQEAFEISKKEMQPTHPIRLGLALNFSVFYYEILNSPEKACSLAKTAFDEAIAELDTLSEESYKDSTLIMQL
LRDNLTLWTSDTQGDEAEAGEGGEN
;
A,B
2 'polypeptide(L)' WRRTN(SEP)DSALH C,D
#
# COMPACT_ATOMS: atom_id res chain seq x y z
N MET A 21 18.63 -4.98 18.43
CA MET A 21 18.17 -5.90 19.47
C MET A 21 18.69 -7.30 19.23
N ASP A 22 18.17 -8.24 20.02
CA ASP A 22 18.40 -9.65 19.76
C ASP A 22 18.08 -9.96 18.31
N LYS A 23 18.88 -10.86 17.71
CA LYS A 23 18.65 -11.16 16.30
C LYS A 23 17.23 -11.73 16.14
N ASN A 24 16.83 -12.56 17.11
CA ASN A 24 15.53 -13.22 17.11
C ASN A 24 14.42 -12.22 17.42
N GLU A 25 14.72 -11.16 18.16
CA GLU A 25 13.72 -10.12 18.40
C GLU A 25 13.47 -9.30 17.15
N LEU A 26 14.54 -8.97 16.42
CA LEU A 26 14.40 -8.22 15.18
C LEU A 26 13.61 -9.03 14.15
N VAL A 27 13.83 -10.35 14.12
CA VAL A 27 13.07 -11.22 13.22
C VAL A 27 11.60 -11.22 13.61
N GLN A 28 11.31 -11.22 14.91
CA GLN A 28 9.92 -11.24 15.36
C GLN A 28 9.23 -9.94 15.00
N LYS A 29 9.96 -8.82 15.07
CA LYS A 29 9.39 -7.54 14.67
C LYS A 29 9.16 -7.48 13.17
N ALA A 30 10.06 -8.09 12.39
CA ALA A 30 9.90 -8.15 10.94
C ALA A 30 8.62 -8.89 10.56
N LYS A 31 8.33 -10.01 11.24
CA LYS A 31 7.10 -10.73 10.98
C LYS A 31 5.88 -9.92 11.37
N LEU A 32 5.97 -9.17 12.47
CA LEU A 32 4.89 -8.26 12.86
C LEU A 32 4.69 -7.19 11.81
N ALA A 33 5.78 -6.56 11.37
CA ALA A 33 5.69 -5.52 10.34
C ALA A 33 5.10 -6.08 9.06
N GLU A 34 5.42 -7.33 8.73
CA GLU A 34 4.88 -7.94 7.51
C GLU A 34 3.37 -8.10 7.60
N GLN A 35 2.87 -8.58 8.73
CA GLN A 35 1.43 -8.75 8.90
C GLN A 35 0.71 -7.40 8.85
N ALA A 36 1.37 -6.34 9.32
CA ALA A 36 0.80 -5.00 9.26
C ALA A 36 1.02 -4.32 7.91
N GLU A 37 1.68 -5.01 6.97
CA GLU A 37 1.99 -4.46 5.65
C GLU A 37 2.77 -3.14 5.77
N ARG A 38 3.71 -3.11 6.70
CA ARG A 38 4.60 -1.97 6.90
C ARG A 38 6.00 -2.43 6.50
N TYR A 39 6.27 -2.41 5.20
CA TYR A 39 7.44 -3.06 4.65
C TYR A 39 8.71 -2.25 4.80
N ASP A 40 8.61 -0.93 4.96
CA ASP A 40 9.78 -0.14 5.35
C ASP A 40 10.28 -0.60 6.71
N ASP A 41 9.37 -0.75 7.67
CA ASP A 41 9.73 -1.29 8.98
C ASP A 41 10.34 -2.69 8.84
N MET A 42 9.69 -3.55 8.05
CA MET A 42 10.15 -4.92 7.87
C MET A 42 11.55 -4.96 7.29
N ALA A 43 11.84 -4.13 6.30
CA ALA A 43 13.17 -4.12 5.69
C ALA A 43 14.21 -3.58 6.66
N ALA A 44 13.85 -2.56 7.44
CA ALA A 44 14.78 -2.00 8.41
C ALA A 44 15.22 -3.04 9.43
N CYS A 45 14.30 -3.94 9.81
CA CYS A 45 14.65 -4.94 10.81
C CYS A 45 15.51 -6.05 10.21
N MET A 46 15.24 -6.42 8.96
CA MET A 46 16.04 -7.45 8.31
C MET A 46 17.38 -6.92 7.83
N LYS A 47 17.46 -5.63 7.49
CA LYS A 47 18.77 -5.04 7.25
C LYS A 47 19.62 -5.09 8.51
N SER A 48 19.00 -4.79 9.67
CA SER A 48 19.72 -4.85 10.93
C SER A 48 20.16 -6.27 11.26
N VAL A 49 19.30 -7.25 10.98
CA VAL A 49 19.68 -8.65 11.17
C VAL A 49 20.89 -8.99 10.31
N THR A 50 20.86 -8.60 9.03
CA THR A 50 21.95 -8.93 8.12
C THR A 50 23.26 -8.29 8.58
N GLU A 51 23.20 -7.04 9.03
CA GLU A 51 24.39 -6.31 9.43
C GLU A 51 25.05 -6.87 10.69
N GLN A 52 24.40 -7.81 11.37
CA GLN A 52 25.04 -8.50 12.48
C GLN A 52 26.13 -9.48 12.02
N GLY A 53 26.18 -9.78 10.72
CA GLY A 53 27.30 -10.49 10.14
C GLY A 53 27.15 -11.99 10.05
N ALA A 54 26.15 -12.59 10.69
CA ALA A 54 25.99 -14.02 10.65
C ALA A 54 25.22 -14.44 9.40
N GLU A 55 25.49 -15.67 8.95
CA GLU A 55 24.75 -16.24 7.82
C GLU A 55 23.28 -16.31 8.17
N LEU A 56 22.44 -15.89 7.23
CA LEU A 56 21.00 -15.89 7.46
C LEU A 56 20.43 -17.29 7.36
N SER A 57 19.55 -17.63 8.30
CA SER A 57 18.68 -18.78 8.14
C SER A 57 17.81 -18.62 6.89
N ASN A 58 17.21 -19.73 6.46
CA ASN A 58 16.28 -19.67 5.34
C ASN A 58 15.04 -18.84 5.65
N GLU A 59 14.56 -18.85 6.90
CA GLU A 59 13.45 -17.99 7.26
C GLU A 59 13.85 -16.52 7.24
N GLU A 60 15.00 -16.19 7.82
CA GLU A 60 15.47 -14.80 7.82
C GLU A 60 15.76 -14.33 6.40
N ARG A 61 16.34 -15.21 5.58
CA ARG A 61 16.62 -14.88 4.19
C ARG A 61 15.33 -14.55 3.43
N ASN A 62 14.28 -15.33 3.64
N ASN A 62 14.27 -15.31 3.66
CA ASN A 62 13.00 -15.07 2.98
CA ASN A 62 13.02 -15.05 2.96
C ASN A 62 12.41 -13.74 3.46
C ASN A 62 12.31 -13.79 3.49
N LEU A 63 12.51 -13.47 4.76
CA LEU A 63 11.96 -12.22 5.29
C LEU A 63 12.66 -11.01 4.70
N LEU A 64 14.00 -11.08 4.57
CA LEU A 64 14.73 -10.01 3.93
C LEU A 64 14.29 -9.84 2.48
N SER A 65 14.17 -10.95 1.75
CA SER A 65 13.77 -10.91 0.35
C SER A 65 12.37 -10.30 0.19
N VAL A 66 11.40 -10.77 0.98
CA VAL A 66 10.04 -10.28 0.87
C VAL A 66 9.96 -8.80 1.19
N ALA A 67 10.67 -8.36 2.23
CA ALA A 67 10.60 -6.96 2.66
C ALA A 67 11.06 -6.03 1.54
N TYR A 68 12.25 -6.29 0.98
CA TYR A 68 12.78 -5.37 -0.02
C TYR A 68 12.06 -5.53 -1.36
N LYS A 69 11.54 -6.73 -1.65
CA LYS A 69 10.67 -6.89 -2.82
C LYS A 69 9.50 -5.92 -2.78
N ASN A 70 8.88 -5.77 -1.60
CA ASN A 70 7.73 -4.89 -1.46
C ASN A 70 8.16 -3.42 -1.44
N VAL A 71 9.28 -3.10 -0.79
CA VAL A 71 9.72 -1.71 -0.73
C VAL A 71 10.09 -1.20 -2.12
N VAL A 72 10.88 -1.98 -2.86
CA VAL A 72 11.26 -1.55 -4.20
C VAL A 72 10.09 -1.70 -5.17
N GLY A 73 9.19 -2.66 -4.92
CA GLY A 73 8.08 -2.87 -5.82
C GLY A 73 7.14 -1.69 -5.89
N ALA A 74 6.94 -1.00 -4.76
CA ALA A 74 6.10 0.19 -4.75
C ALA A 74 6.70 1.30 -5.61
N ARG A 75 8.02 1.46 -5.55
CA ARG A 75 8.67 2.48 -6.38
C ARG A 75 8.63 2.10 -7.85
N ARG A 76 8.87 0.82 -8.16
CA ARG A 76 8.77 0.35 -9.54
C ARG A 76 7.38 0.59 -10.10
N SER A 77 6.34 0.31 -9.31
CA SER A 77 4.97 0.50 -9.77
C SER A 77 4.68 1.98 -10.03
N SER A 78 5.04 2.85 -9.08
CA SER A 78 4.82 4.28 -9.26
C SER A 78 5.65 4.84 -10.41
N TRP A 79 6.88 4.34 -10.59
CA TRP A 79 7.72 4.81 -11.69
C TRP A 79 7.04 4.56 -13.04
N ARG A 80 6.52 3.35 -13.23
CA ARG A 80 5.85 3.01 -14.48
C ARG A 80 4.69 3.94 -14.77
N VAL A 81 3.92 4.28 -13.72
CA VAL A 81 2.77 5.17 -13.90
C VAL A 81 3.23 6.56 -14.35
N VAL A 82 4.19 7.15 -13.63
CA VAL A 82 4.59 8.52 -13.92
C VAL A 82 5.32 8.61 -15.23
N SER A 83 6.14 7.60 -15.56
CA SER A 83 6.86 7.64 -16.83
C SER A 83 5.91 7.53 -18.02
N SER A 84 4.81 6.80 -17.86
CA SER A 84 3.82 6.71 -18.93
C SER A 84 3.06 8.02 -19.10
N ILE A 85 2.80 8.71 -17.99
CA ILE A 85 2.15 10.02 -18.07
C ILE A 85 3.04 11.00 -18.81
N GLU A 86 4.33 11.00 -18.48
CA GLU A 86 5.31 11.86 -19.15
C GLU A 86 5.29 11.65 -20.66
N GLN A 87 5.12 10.40 -21.11
CA GLN A 87 5.17 10.08 -22.52
C GLN A 87 3.83 10.30 -23.22
N LYS A 88 2.75 10.50 -22.46
CA LYS A 88 1.43 10.76 -23.00
C LYS A 88 1.05 12.22 -22.89
N THR A 89 2.04 13.08 -22.63
CA THR A 89 1.82 14.50 -22.45
C THR A 89 2.58 15.32 -23.49
N GLU A 93 3.51 21.02 -21.98
CA GLU A 93 4.95 20.95 -21.75
C GLU A 93 5.28 21.26 -20.29
N LYS A 94 4.52 22.19 -19.69
CA LYS A 94 4.58 22.35 -18.25
C LYS A 94 4.25 21.05 -17.54
N LYS A 95 3.19 20.37 -17.96
CA LYS A 95 2.83 19.08 -17.37
C LYS A 95 3.95 18.06 -17.54
N GLN A 96 4.60 18.04 -18.71
CA GLN A 96 5.64 17.05 -18.99
C GLN A 96 6.85 17.22 -18.07
N GLN A 97 7.28 18.45 -17.82
CA GLN A 97 8.43 18.66 -16.95
C GLN A 97 8.07 18.39 -15.50
N MET A 98 6.80 18.63 -15.14
CA MET A 98 6.34 18.29 -13.81
C MET A 98 6.45 16.79 -13.57
N ALA A 99 5.97 16.00 -14.53
CA ALA A 99 6.08 14.55 -14.42
C ALA A 99 7.53 14.09 -14.40
N ARG A 100 8.38 14.71 -15.23
CA ARG A 100 9.78 14.31 -15.28
C ARG A 100 10.47 14.50 -13.93
N GLU A 101 10.22 15.63 -13.28
CA GLU A 101 10.84 15.84 -11.96
C GLU A 101 10.29 14.87 -10.93
N TYR A 102 9.02 14.48 -11.05
CA TYR A 102 8.45 13.51 -10.12
C TYR A 102 8.99 12.11 -10.40
N ARG A 103 9.14 11.74 -11.68
CA ARG A 103 9.77 10.46 -12.01
C ARG A 103 11.18 10.39 -11.46
N GLU A 104 11.93 11.48 -11.58
CA GLU A 104 13.31 11.49 -11.11
C GLU A 104 13.38 11.39 -9.59
N LYS A 105 12.39 11.97 -8.88
CA LYS A 105 12.33 11.80 -7.44
C LYS A 105 12.11 10.33 -7.07
N ILE A 106 11.16 9.67 -7.74
CA ILE A 106 10.92 8.25 -7.48
C ILE A 106 12.16 7.43 -7.85
N GLU A 107 12.82 7.79 -8.95
CA GLU A 107 14.01 7.07 -9.38
C GLU A 107 15.10 7.13 -8.32
N THR A 108 15.26 8.28 -7.67
CA THR A 108 16.25 8.42 -6.61
C THR A 108 15.92 7.50 -5.44
N GLU A 109 14.65 7.47 -5.03
CA GLU A 109 14.22 6.51 -4.02
C GLU A 109 14.51 5.08 -4.46
N LEU A 110 14.16 4.76 -5.71
CA LEU A 110 14.34 3.40 -6.21
C LEU A 110 15.82 3.02 -6.24
N ARG A 111 16.68 3.91 -6.72
CA ARG A 111 18.10 3.60 -6.78
C ARG A 111 18.69 3.42 -5.38
N ASP A 112 18.28 4.28 -4.43
CA ASP A 112 18.77 4.15 -3.07
C ASP A 112 18.37 2.81 -2.46
N ILE A 113 17.15 2.35 -2.75
CA ILE A 113 16.71 1.05 -2.25
C ILE A 113 17.57 -0.07 -2.83
N CYS A 114 17.86 -0.02 -4.13
CA CYS A 114 18.57 -1.13 -4.75
C CYS A 114 20.05 -1.09 -4.41
N ASN A 115 20.59 0.10 -4.16
CA ASN A 115 21.97 0.20 -3.70
C ASN A 115 22.11 -0.32 -2.27
N ASP A 116 21.09 -0.12 -1.43
CA ASP A 116 21.11 -0.71 -0.10
C ASP A 116 21.15 -2.22 -0.16
N VAL A 117 20.32 -2.82 -1.02
CA VAL A 117 20.28 -4.27 -1.14
C VAL A 117 21.60 -4.80 -1.69
N LEU A 118 22.10 -4.19 -2.76
CA LEU A 118 23.32 -4.67 -3.39
C LEU A 118 24.51 -4.55 -2.45
N SER A 119 24.52 -3.56 -1.57
CA SER A 119 25.60 -3.43 -0.60
C SER A 119 25.55 -4.55 0.44
N LEU A 120 24.35 -4.86 0.95
CA LEU A 120 24.21 -5.99 1.85
C LEU A 120 24.67 -7.28 1.17
N LEU A 121 24.37 -7.43 -0.12
CA LEU A 121 24.76 -8.63 -0.84
C LEU A 121 26.28 -8.72 -0.97
N GLU A 122 26.93 -7.62 -1.32
CA GLU A 122 28.39 -7.65 -1.51
C GLU A 122 29.12 -7.81 -0.18
N LYS A 123 28.60 -7.21 0.88
CA LYS A 123 29.33 -7.14 2.14
C LYS A 123 29.05 -8.30 3.08
N PHE A 124 27.83 -8.85 3.08
CA PHE A 124 27.46 -9.88 4.03
C PHE A 124 26.98 -11.16 3.36
N LEU A 125 25.97 -11.09 2.51
CA LEU A 125 25.23 -12.28 2.12
C LEU A 125 26.04 -13.19 1.20
N ILE A 126 26.58 -12.65 0.12
CA ILE A 126 27.30 -13.47 -0.86
C ILE A 126 28.59 -14.03 -0.26
N PRO A 127 29.43 -13.24 0.42
CA PRO A 127 30.64 -13.84 1.01
C PRO A 127 30.38 -14.86 2.10
N ASN A 128 29.26 -14.76 2.83
CA ASN A 128 28.98 -15.68 3.93
C ASN A 128 28.20 -16.91 3.52
N ALA A 129 27.75 -17.00 2.28
CA ALA A 129 26.90 -18.10 1.83
C ALA A 129 27.74 -19.37 1.72
N SER A 130 27.42 -20.38 2.52
CA SER A 130 28.19 -21.61 2.58
C SER A 130 27.75 -22.66 1.56
N GLN A 131 26.46 -22.72 1.22
CA GLN A 131 25.91 -23.76 0.37
C GLN A 131 25.47 -23.18 -0.97
N ALA A 132 25.45 -24.05 -2.00
CA ALA A 132 25.12 -23.61 -3.36
C ALA A 132 23.70 -23.06 -3.45
N GLU A 133 22.77 -23.65 -2.69
CA GLU A 133 21.39 -23.17 -2.68
C GLU A 133 21.31 -21.71 -2.24
N SER A 134 21.89 -21.38 -1.08
CA SER A 134 21.89 -20.00 -0.64
C SER A 134 22.73 -19.11 -1.58
N LYS A 135 23.87 -19.59 -2.11
CA LYS A 135 24.57 -18.73 -3.09
C LYS A 135 23.76 -18.51 -4.39
N VAL A 136 23.05 -19.52 -4.88
CA VAL A 136 22.22 -19.27 -6.06
C VAL A 136 21.18 -18.22 -5.71
N PHE A 137 20.62 -18.31 -4.51
CA PHE A 137 19.60 -17.38 -4.05
C PHE A 137 20.10 -15.94 -4.06
N TYR A 138 21.27 -15.69 -3.49
CA TYR A 138 21.75 -14.32 -3.36
C TYR A 138 22.26 -13.76 -4.68
N LEU A 139 22.89 -14.60 -5.51
CA LEU A 139 23.32 -14.16 -6.83
C LEU A 139 22.11 -13.82 -7.70
N LYS A 140 21.02 -14.58 -7.58
CA LYS A 140 19.79 -14.22 -8.26
C LYS A 140 19.28 -12.87 -7.77
N MET A 141 19.34 -12.64 -6.46
CA MET A 141 18.93 -11.36 -5.90
C MET A 141 19.79 -10.22 -6.44
N LYS A 142 21.10 -10.47 -6.58
CA LYS A 142 21.98 -9.47 -7.17
C LYS A 142 21.57 -9.15 -8.61
N GLY A 143 21.31 -10.20 -9.41
CA GLY A 143 20.80 -9.98 -10.74
C GLY A 143 19.49 -9.21 -10.75
N ASP A 144 18.61 -9.49 -9.79
CA ASP A 144 17.32 -8.83 -9.74
C ASP A 144 17.48 -7.32 -9.52
N TYR A 145 18.22 -6.94 -8.50
CA TYR A 145 18.28 -5.52 -8.13
C TYR A 145 19.14 -4.70 -9.07
N TYR A 146 20.12 -5.31 -9.73
CA TYR A 146 20.77 -4.62 -10.84
C TYR A 146 19.83 -4.50 -12.03
N ARG A 147 18.95 -5.49 -12.23
CA ARG A 147 17.94 -5.38 -13.27
C ARG A 147 16.98 -4.23 -13.01
N TYR A 148 16.56 -4.05 -11.75
CA TYR A 148 15.70 -2.92 -11.43
C TYR A 148 16.42 -1.60 -11.66
N LEU A 149 17.74 -1.57 -11.37
CA LEU A 149 18.53 -0.39 -11.68
C LEU A 149 18.58 -0.16 -13.18
N ALA A 150 18.69 -1.24 -13.97
CA ALA A 150 18.70 -1.11 -15.42
C ALA A 150 17.36 -0.63 -15.95
N GLU A 151 16.27 -0.97 -15.26
CA GLU A 151 14.94 -0.57 -15.73
C GLU A 151 14.82 0.94 -15.82
N VAL A 152 15.59 1.68 -15.02
CA VAL A 152 15.52 3.14 -14.99
C VAL A 152 16.83 3.78 -15.39
N ALA A 153 17.83 2.99 -15.74
CA ALA A 153 19.11 3.54 -16.14
C ALA A 153 19.04 4.06 -17.57
N ALA A 154 19.78 5.13 -17.83
CA ALA A 154 19.89 5.67 -19.18
C ALA A 154 21.28 6.26 -19.33
N GLY A 155 21.58 6.78 -20.51
CA GLY A 155 22.90 7.31 -20.75
C GLY A 155 23.96 6.22 -20.71
N ASP A 156 25.15 6.60 -20.25
CA ASP A 156 26.32 5.73 -20.31
C ASP A 156 26.40 4.74 -19.16
N ASP A 157 25.58 4.91 -18.11
CA ASP A 157 25.62 3.97 -17.00
C ASP A 157 24.95 2.65 -17.33
N LYS A 158 24.02 2.64 -18.28
CA LYS A 158 23.14 1.48 -18.48
C LYS A 158 23.94 0.22 -18.79
N LYS A 159 24.79 0.28 -19.82
CA LYS A 159 25.48 -0.92 -20.30
C LYS A 159 26.25 -1.60 -19.16
N GLY A 160 26.89 -0.79 -18.31
CA GLY A 160 27.60 -1.37 -17.17
C GLY A 160 26.66 -2.03 -16.18
N ILE A 161 25.52 -1.38 -15.90
CA ILE A 161 24.54 -1.95 -14.96
C ILE A 161 23.94 -3.23 -15.54
N VAL A 162 23.58 -3.20 -16.83
CA VAL A 162 22.99 -4.36 -17.46
C VAL A 162 23.94 -5.55 -17.43
N ASP A 163 25.22 -5.31 -17.72
CA ASP A 163 26.19 -6.41 -17.69
C ASP A 163 26.40 -6.93 -16.28
N GLN A 164 26.27 -6.06 -15.27
CA GLN A 164 26.36 -6.52 -13.89
C GLN A 164 25.21 -7.45 -13.54
N SER A 165 24.00 -7.11 -14.00
CA SER A 165 22.86 -8.01 -13.82
C SER A 165 23.10 -9.36 -14.50
N GLN A 166 23.50 -9.31 -15.77
CA GLN A 166 23.70 -10.54 -16.54
C GLN A 166 24.73 -11.45 -15.89
N GLN A 167 25.84 -10.89 -15.41
CA GLN A 167 26.89 -11.72 -14.85
C GLN A 167 26.47 -12.37 -13.54
N ALA A 168 25.64 -11.68 -12.75
CA ALA A 168 25.13 -12.27 -11.52
C ALA A 168 24.19 -13.42 -11.84
N TYR A 169 23.26 -13.20 -12.77
CA TYR A 169 22.34 -14.25 -13.20
C TYR A 169 23.12 -15.44 -13.76
N GLN A 170 24.12 -15.16 -14.61
CA GLN A 170 24.83 -16.23 -15.31
C GLN A 170 25.55 -17.15 -14.34
N GLU A 171 26.22 -16.57 -13.33
CA GLU A 171 26.90 -17.40 -12.34
C GLU A 171 25.90 -18.22 -11.53
N ALA A 172 24.80 -17.59 -11.10
CA ALA A 172 23.75 -18.33 -10.42
C ALA A 172 23.19 -19.43 -11.32
N PHE A 173 23.02 -19.14 -12.60
CA PHE A 173 22.46 -20.11 -13.53
C PHE A 173 23.36 -21.33 -13.65
N GLU A 174 24.68 -21.12 -13.71
CA GLU A 174 25.60 -22.24 -13.86
C GLU A 174 25.66 -23.09 -12.60
N ILE A 175 25.69 -22.46 -11.42
CA ILE A 175 25.71 -23.22 -10.18
C ILE A 175 24.42 -24.01 -10.01
N SER A 176 23.28 -23.38 -10.32
CA SER A 176 21.99 -24.06 -10.15
C SER A 176 21.88 -25.29 -11.04
N LYS A 177 22.38 -25.21 -12.28
CA LYS A 177 22.29 -26.34 -13.19
C LYS A 177 23.17 -27.51 -12.76
N LYS A 178 24.22 -27.26 -11.99
CA LYS A 178 25.11 -28.34 -11.56
C LYS A 178 24.75 -28.93 -10.21
N GLU A 179 24.19 -28.13 -9.30
CA GLU A 179 23.98 -28.57 -7.93
C GLU A 179 22.51 -28.76 -7.56
N MET A 180 21.58 -28.30 -8.38
CA MET A 180 20.16 -28.37 -8.07
C MET A 180 19.42 -29.15 -9.14
N GLN A 181 18.33 -29.77 -8.74
CA GLN A 181 17.50 -30.52 -9.66
C GLN A 181 16.56 -29.57 -10.40
N PRO A 182 16.12 -29.96 -11.61
CA PRO A 182 15.28 -29.06 -12.42
C PRO A 182 14.03 -28.55 -11.72
N THR A 183 13.59 -29.25 -10.69
CA THR A 183 12.36 -28.92 -9.99
C THR A 183 12.59 -28.07 -8.73
N HIS A 184 13.83 -27.80 -8.36
CA HIS A 184 14.09 -26.98 -7.19
C HIS A 184 13.51 -25.59 -7.41
N PRO A 185 12.69 -25.08 -6.48
CA PRO A 185 12.04 -23.78 -6.72
C PRO A 185 13.02 -22.63 -6.89
N ILE A 186 14.19 -22.70 -6.26
CA ILE A 186 15.17 -21.63 -6.42
C ILE A 186 15.78 -21.68 -7.81
N ARG A 187 16.08 -22.88 -8.32
CA ARG A 187 16.53 -23.00 -9.70
C ARG A 187 15.47 -22.55 -10.67
N LEU A 188 14.21 -22.91 -10.43
CA LEU A 188 13.13 -22.49 -11.33
C LEU A 188 12.90 -20.99 -11.27
N GLY A 189 12.93 -20.40 -10.07
CA GLY A 189 12.75 -18.97 -9.95
C GLY A 189 13.87 -18.17 -10.61
N LEU A 190 15.09 -18.70 -10.57
CA LEU A 190 16.20 -18.06 -11.26
C LEU A 190 16.01 -18.08 -12.77
N ALA A 191 15.63 -19.23 -13.32
CA ALA A 191 15.35 -19.32 -14.76
C ALA A 191 14.23 -18.38 -15.16
N LEU A 192 13.22 -18.24 -14.31
CA LEU A 192 12.12 -17.31 -14.59
C LEU A 192 12.64 -15.88 -14.71
N ASN A 193 13.36 -15.41 -13.70
CA ASN A 193 13.82 -14.03 -13.70
C ASN A 193 14.92 -13.80 -14.75
N PHE A 194 15.77 -14.80 -14.98
CA PHE A 194 16.78 -14.66 -16.03
C PHE A 194 16.13 -14.50 -17.40
N SER A 195 15.11 -15.30 -17.68
CA SER A 195 14.37 -15.15 -18.93
C SER A 195 13.71 -13.77 -19.01
N VAL A 196 13.18 -13.29 -17.89
CA VAL A 196 12.60 -11.94 -17.87
C VAL A 196 13.68 -10.90 -18.16
N PHE A 197 14.88 -11.08 -17.59
CA PHE A 197 15.99 -10.19 -17.90
C PHE A 197 16.26 -10.16 -19.40
N TYR A 198 16.28 -11.34 -20.03
CA TYR A 198 16.54 -11.41 -21.47
C TYR A 198 15.44 -10.71 -22.26
N TYR A 199 14.18 -10.88 -21.85
CA TYR A 199 13.09 -10.30 -22.61
C TYR A 199 13.03 -8.78 -22.45
N GLU A 200 13.08 -8.29 -21.22
CA GLU A 200 12.82 -6.88 -20.96
C GLU A 200 14.05 -5.99 -21.02
N ILE A 201 15.21 -6.48 -20.57
CA ILE A 201 16.40 -5.63 -20.52
C ILE A 201 17.25 -5.76 -21.77
N LEU A 202 17.53 -6.99 -22.20
CA LEU A 202 18.36 -7.20 -23.37
C LEU A 202 17.54 -7.21 -24.66
N ASN A 203 16.22 -7.15 -24.56
CA ASN A 203 15.33 -7.18 -25.71
C ASN A 203 15.67 -8.33 -26.65
N SER A 204 15.83 -9.52 -26.06
CA SER A 204 16.18 -10.75 -26.77
C SER A 204 15.07 -11.76 -26.54
N PRO A 205 13.97 -11.65 -27.28
CA PRO A 205 12.81 -12.53 -27.03
C PRO A 205 13.07 -14.00 -27.26
N GLU A 206 13.92 -14.37 -28.24
CA GLU A 206 14.11 -15.78 -28.54
C GLU A 206 14.94 -16.48 -27.47
N LYS A 207 15.95 -15.80 -26.92
CA LYS A 207 16.69 -16.37 -25.81
C LYS A 207 15.82 -16.47 -24.56
N ALA A 208 14.89 -15.52 -24.39
CA ALA A 208 13.99 -15.56 -23.23
C ALA A 208 13.08 -16.78 -23.28
N CYS A 209 12.51 -17.08 -24.45
CA CYS A 209 11.60 -18.22 -24.54
C CYS A 209 12.37 -19.54 -24.58
N SER A 210 13.58 -19.52 -25.14
CA SER A 210 14.43 -20.70 -25.10
C SER A 210 14.75 -21.08 -23.66
N LEU A 211 15.17 -20.11 -22.86
CA LEU A 211 15.51 -20.37 -21.46
C LEU A 211 14.27 -20.84 -20.68
N ALA A 212 13.14 -20.17 -20.87
CA ALA A 212 11.93 -20.52 -20.12
C ALA A 212 11.40 -21.89 -20.52
N LYS A 213 11.39 -22.19 -21.82
CA LYS A 213 10.86 -23.48 -22.28
C LYS A 213 11.69 -24.64 -21.74
N THR A 214 13.01 -24.50 -21.75
CA THR A 214 13.88 -25.55 -21.23
C THR A 214 13.65 -25.79 -19.74
N ALA A 215 13.56 -24.71 -18.95
CA ALA A 215 13.34 -24.87 -17.52
C ALA A 215 12.01 -25.54 -17.24
N PHE A 216 10.96 -25.14 -17.96
CA PHE A 216 9.65 -25.76 -17.79
C PHE A 216 9.68 -27.22 -18.21
N ASP A 217 10.17 -27.50 -19.42
CA ASP A 217 10.19 -28.87 -19.93
C ASP A 217 11.02 -29.79 -19.05
N GLU A 218 12.19 -29.34 -18.62
CA GLU A 218 13.03 -30.19 -17.78
C GLU A 218 12.38 -30.43 -16.42
N ALA A 219 11.57 -29.49 -15.93
CA ALA A 219 10.86 -29.71 -14.69
C ALA A 219 9.67 -30.65 -14.90
N ILE A 220 8.98 -30.52 -16.03
CA ILE A 220 7.88 -31.42 -16.36
C ILE A 220 8.37 -32.86 -16.46
N ALA A 221 9.56 -33.05 -17.03
CA ALA A 221 10.10 -34.39 -17.23
C ALA A 221 10.40 -35.09 -15.91
N GLU A 222 10.68 -34.32 -14.85
CA GLU A 222 11.02 -34.86 -13.54
C GLU A 222 9.99 -34.49 -12.49
N LEU A 223 8.70 -34.67 -12.76
CA LEU A 223 7.72 -34.27 -11.76
C LEU A 223 7.40 -35.39 -10.78
N ASP A 224 7.86 -36.61 -11.03
CA ASP A 224 7.66 -37.68 -10.06
C ASP A 224 8.71 -37.68 -8.95
N THR A 225 9.74 -36.81 -9.01
CA THR A 225 10.75 -36.66 -7.94
C THR A 225 10.74 -35.24 -7.35
N LEU A 226 9.64 -34.89 -6.69
CA LEU A 226 9.39 -33.59 -6.08
C LEU A 226 9.13 -33.79 -4.60
N SER A 227 9.58 -32.84 -3.77
CA SER A 227 9.29 -32.96 -2.33
C SER A 227 8.12 -32.07 -1.96
N SER A 230 7.62 -28.63 -1.65
CA SER A 230 7.98 -27.75 -2.75
C SER A 230 7.07 -27.92 -3.96
N TYR A 231 6.01 -28.73 -3.82
CA TYR A 231 5.19 -29.06 -4.99
C TYR A 231 4.52 -27.83 -5.56
N LYS A 232 3.83 -27.07 -4.71
CA LYS A 232 3.18 -25.85 -5.18
C LYS A 232 4.19 -24.75 -5.46
N ASP A 233 5.24 -24.64 -4.64
CA ASP A 233 6.22 -23.59 -4.86
C ASP A 233 6.90 -23.73 -6.21
N SER A 234 7.23 -24.95 -6.62
CA SER A 234 7.88 -25.14 -7.92
C SER A 234 6.86 -25.14 -9.05
N THR A 235 5.65 -25.65 -8.81
CA THR A 235 4.64 -25.65 -9.87
C THR A 235 4.08 -24.25 -10.11
N LEU A 236 4.05 -23.40 -9.07
CA LEU A 236 3.65 -22.02 -9.29
C LEU A 236 4.62 -21.29 -10.21
N ILE A 237 5.92 -21.51 -10.03
CA ILE A 237 6.91 -20.90 -10.92
C ILE A 237 6.77 -21.46 -12.32
N MET A 238 6.53 -22.77 -12.43
CA MET A 238 6.33 -23.39 -13.73
C MET A 238 5.15 -22.77 -14.47
N GLN A 239 4.09 -22.43 -13.74
CA GLN A 239 2.94 -21.77 -14.36
C GLN A 239 3.31 -20.39 -14.86
N LEU A 240 4.13 -19.66 -14.11
CA LEU A 240 4.58 -18.34 -14.56
C LEU A 240 5.45 -18.47 -15.81
N LEU A 241 6.36 -19.45 -15.82
CA LEU A 241 7.18 -19.71 -17.00
C LEU A 241 6.32 -19.90 -18.24
N ARG A 242 5.29 -20.74 -18.15
CA ARG A 242 4.45 -21.03 -19.31
C ARG A 242 3.58 -19.82 -19.67
N ASP A 243 3.10 -19.09 -18.67
CA ASP A 243 2.34 -17.88 -18.94
C ASP A 243 3.17 -16.86 -19.70
N ASN A 244 4.42 -16.66 -19.28
CA ASN A 244 5.32 -15.78 -20.01
C ASN A 244 5.58 -16.30 -21.42
N LEU A 245 5.82 -17.60 -21.56
CA LEU A 245 6.04 -18.19 -22.87
C LEU A 245 4.88 -17.89 -23.82
N THR A 246 3.64 -18.04 -23.35
CA THR A 246 2.49 -17.77 -24.20
C THR A 246 2.39 -16.31 -24.56
N LEU A 247 2.67 -15.42 -23.60
CA LEU A 247 2.60 -13.99 -23.88
C LEU A 247 3.70 -13.57 -24.85
N TRP A 248 4.93 -14.06 -24.65
CA TRP A 248 6.03 -13.64 -25.50
C TRP A 248 5.96 -14.29 -26.88
N THR A 249 5.30 -15.44 -27.00
CA THR A 249 5.16 -16.06 -28.31
C THR A 249 4.04 -15.40 -29.09
N SER A 250 3.07 -14.83 -28.38
CA SER A 250 2.00 -14.05 -28.97
C SER A 250 2.53 -12.69 -29.46
N ASP B 22 3.35 27.58 -6.28
CA ASP B 22 2.07 27.96 -6.87
C ASP B 22 1.02 26.90 -6.56
N LYS B 23 -0.21 27.36 -6.30
CA LYS B 23 -1.29 26.46 -5.91
C LYS B 23 -1.61 25.43 -6.98
N ASN B 24 -1.71 25.86 -8.24
CA ASN B 24 -2.08 24.92 -9.30
C ASN B 24 -0.95 23.96 -9.60
N GLU B 25 0.28 24.35 -9.32
CA GLU B 25 1.39 23.43 -9.44
C GLU B 25 1.29 22.35 -8.38
N LEU B 26 0.93 22.75 -7.15
CA LEU B 26 0.76 21.81 -6.04
C LEU B 26 -0.44 20.89 -6.25
N VAL B 27 -1.54 21.43 -6.78
CA VAL B 27 -2.70 20.61 -7.13
C VAL B 27 -2.35 19.64 -8.26
N GLN B 28 -1.58 20.10 -9.26
CA GLN B 28 -1.14 19.25 -10.36
C GLN B 28 -0.18 18.19 -9.92
N LYS B 29 0.69 18.48 -8.96
CA LYS B 29 1.55 17.42 -8.45
C LYS B 29 0.77 16.44 -7.58
N ALA B 30 -0.22 16.96 -6.85
CA ALA B 30 -1.05 16.09 -6.01
C ALA B 30 -1.76 15.04 -6.85
N LYS B 31 -2.28 15.45 -8.02
CA LYS B 31 -2.91 14.50 -8.92
C LYS B 31 -1.91 13.47 -9.42
N LEU B 32 -0.67 13.90 -9.66
CA LEU B 32 0.39 12.97 -10.04
C LEU B 32 0.65 11.95 -8.92
N ALA B 33 0.75 12.43 -7.68
CA ALA B 33 0.98 11.54 -6.55
C ALA B 33 -0.15 10.53 -6.39
N GLU B 34 -1.39 10.95 -6.63
CA GLU B 34 -2.53 10.04 -6.50
C GLU B 34 -2.44 8.92 -7.54
N GLN B 35 -2.08 9.28 -8.78
N GLN B 35 -2.10 9.27 -8.78
CA GLN B 35 -1.94 8.29 -9.84
CA GLN B 35 -1.97 8.25 -9.81
C GLN B 35 -0.81 7.31 -9.56
C GLN B 35 -0.84 7.28 -9.51
N ALA B 36 0.22 7.76 -8.84
CA ALA B 36 1.33 6.90 -8.44
C ALA B 36 1.05 6.17 -7.14
N GLU B 37 -0.12 6.38 -6.54
CA GLU B 37 -0.48 5.78 -5.25
C GLU B 37 0.56 6.12 -4.18
N ARG B 38 1.03 7.37 -4.19
CA ARG B 38 1.97 7.89 -3.21
C ARG B 38 1.21 8.94 -2.40
N TYR B 39 0.44 8.47 -1.43
CA TYR B 39 -0.55 9.31 -0.77
C TYR B 39 0.04 10.25 0.27
N ASP B 40 1.21 9.93 0.82
CA ASP B 40 1.91 10.90 1.66
C ASP B 40 2.28 12.14 0.85
N ASP B 41 2.84 11.94 -0.34
CA ASP B 41 3.15 13.06 -1.23
C ASP B 41 1.88 13.85 -1.55
N MET B 42 0.81 13.13 -1.89
CA MET B 42 -0.46 13.78 -2.24
C MET B 42 -0.98 14.64 -1.09
N ALA B 43 -0.90 14.13 0.14
CA ALA B 43 -1.40 14.89 1.28
C ALA B 43 -0.53 16.11 1.57
N ALA B 44 0.79 15.96 1.44
CA ALA B 44 1.68 17.09 1.67
C ALA B 44 1.39 18.24 0.73
N CYS B 45 0.99 17.94 -0.51
CA CYS B 45 0.73 19.00 -1.49
C CYS B 45 -0.60 19.69 -1.20
N MET B 46 -1.60 18.94 -0.77
CA MET B 46 -2.89 19.54 -0.45
C MET B 46 -2.88 20.22 0.91
N LYS B 47 -2.04 19.75 1.84
CA LYS B 47 -1.83 20.50 3.07
C LYS B 47 -1.22 21.87 2.76
N SER B 48 -0.25 21.90 1.85
CA SER B 48 0.40 23.15 1.48
C SER B 48 -0.59 24.10 0.79
N VAL B 49 -1.43 23.55 -0.10
CA VAL B 49 -2.47 24.35 -0.75
C VAL B 49 -3.41 24.96 0.30
N THR B 50 -3.86 24.13 1.25
CA THR B 50 -4.80 24.61 2.25
C THR B 50 -4.19 25.72 3.09
N GLU B 51 -2.91 25.58 3.44
CA GLU B 51 -2.22 26.55 4.27
C GLU B 51 -2.02 27.90 3.58
N GLN B 52 -2.33 28.00 2.29
CA GLN B 52 -2.34 29.28 1.61
C GLN B 52 -3.52 30.15 2.03
N GLY B 53 -4.51 29.57 2.74
CA GLY B 53 -5.54 30.34 3.41
C GLY B 53 -6.83 30.56 2.63
N ALA B 54 -6.84 30.30 1.33
CA ALA B 54 -8.02 30.50 0.51
C ALA B 54 -8.94 29.28 0.55
N GLU B 55 -10.23 29.53 0.31
CA GLU B 55 -11.20 28.44 0.22
C GLU B 55 -10.83 27.47 -0.89
N LEU B 56 -10.92 26.18 -0.58
CA LEU B 56 -10.60 25.15 -1.56
C LEU B 56 -11.72 24.98 -2.58
N SER B 57 -11.32 24.81 -3.84
CA SER B 57 -12.23 24.32 -4.87
C SER B 57 -12.81 22.96 -4.49
N ASN B 58 -13.89 22.59 -5.19
CA ASN B 58 -14.44 21.25 -5.02
C ASN B 58 -13.43 20.18 -5.45
N GLU B 59 -12.66 20.47 -6.50
CA GLU B 59 -11.61 19.55 -6.91
C GLU B 59 -10.51 19.47 -5.86
N GLU B 60 -10.07 20.62 -5.34
CA GLU B 60 -9.04 20.63 -4.31
C GLU B 60 -9.54 19.96 -3.04
N ARG B 61 -10.80 20.20 -2.67
CA ARG B 61 -11.38 19.58 -1.49
C ARG B 61 -11.34 18.06 -1.57
N ASN B 62 -11.69 17.51 -2.73
N ASN B 62 -11.74 17.51 -2.73
CA ASN B 62 -11.73 16.06 -2.87
CA ASN B 62 -11.73 16.06 -2.91
C ASN B 62 -10.34 15.46 -2.93
C ASN B 62 -10.32 15.52 -2.81
N LEU B 63 -9.35 16.20 -3.47
CA LEU B 63 -7.98 15.72 -3.45
C LEU B 63 -7.43 15.69 -2.03
N LEU B 64 -7.72 16.72 -1.23
CA LEU B 64 -7.32 16.72 0.16
C LEU B 64 -7.96 15.56 0.92
N SER B 65 -9.28 15.39 0.76
CA SER B 65 -9.99 14.32 1.44
C SER B 65 -9.46 12.95 1.03
N VAL B 66 -9.31 12.72 -0.28
CA VAL B 66 -8.82 11.42 -0.76
C VAL B 66 -7.41 11.15 -0.23
N ALA B 67 -6.55 12.17 -0.23
CA ALA B 67 -5.17 11.97 0.20
C ALA B 67 -5.10 11.48 1.64
N TYR B 68 -5.77 12.19 2.56
CA TYR B 68 -5.68 11.84 3.97
C TYR B 68 -6.48 10.60 4.32
N LYS B 69 -7.59 10.35 3.60
CA LYS B 69 -8.31 9.09 3.78
C LYS B 69 -7.39 7.90 3.57
N ASN B 70 -6.54 7.96 2.54
CA ASN B 70 -5.61 6.88 2.27
C ASN B 70 -4.44 6.89 3.26
N VAL B 71 -3.96 8.07 3.64
CA VAL B 71 -2.84 8.15 4.57
C VAL B 71 -3.24 7.60 5.94
N VAL B 72 -4.40 8.03 6.46
CA VAL B 72 -4.83 7.53 7.76
C VAL B 72 -5.35 6.09 7.63
N GLY B 73 -5.89 5.73 6.47
CA GLY B 73 -6.46 4.40 6.31
C GLY B 73 -5.43 3.30 6.43
N ALA B 74 -4.20 3.56 5.96
CA ALA B 74 -3.13 2.58 6.09
C ALA B 74 -2.78 2.34 7.55
N ARG B 75 -2.75 3.39 8.36
CA ARG B 75 -2.45 3.23 9.79
C ARG B 75 -3.61 2.55 10.50
N ARG B 76 -4.84 2.92 10.18
CA ARG B 76 -6.00 2.25 10.77
C ARG B 76 -5.97 0.75 10.47
N SER B 77 -5.65 0.39 9.23
CA SER B 77 -5.61 -1.02 8.86
C SER B 77 -4.50 -1.76 9.60
N SER B 78 -3.31 -1.15 9.65
CA SER B 78 -2.20 -1.77 10.38
C SER B 78 -2.52 -1.89 11.86
N TRP B 79 -3.18 -0.88 12.41
CA TRP B 79 -3.58 -0.91 13.81
C TRP B 79 -4.53 -2.08 14.09
N ARG B 80 -5.52 -2.28 13.23
CA ARG B 80 -6.45 -3.39 13.41
C ARG B 80 -5.72 -4.73 13.44
N VAL B 81 -4.74 -4.90 12.57
CA VAL B 81 -3.98 -6.14 12.52
C VAL B 81 -3.19 -6.35 13.81
N VAL B 82 -2.42 -5.35 14.22
CA VAL B 82 -1.53 -5.51 15.36
C VAL B 82 -2.33 -5.61 16.66
N SER B 83 -3.42 -4.86 16.77
CA SER B 83 -4.23 -4.94 17.98
C SER B 83 -4.89 -6.31 18.11
N SER B 84 -5.25 -6.93 16.99
CA SER B 84 -5.81 -8.27 17.05
C SER B 84 -4.75 -9.31 17.41
N ILE B 85 -3.51 -9.12 16.94
CA ILE B 85 -2.42 -9.99 17.35
C ILE B 85 -2.18 -9.85 18.85
N GLU B 86 -2.17 -8.61 19.34
CA GLU B 86 -2.02 -8.35 20.77
C GLU B 86 -3.03 -9.13 21.59
N GLN B 87 -4.25 -9.30 21.06
CA GLN B 87 -5.32 -9.95 21.79
C GLN B 87 -5.29 -11.47 21.68
N LYS B 88 -4.56 -12.04 20.73
CA LYS B 88 -4.47 -13.49 20.59
C LYS B 88 -3.13 -14.02 21.07
N THR B 89 -2.37 -13.18 21.78
CA THR B 89 -1.10 -13.57 22.38
C THR B 89 -1.16 -13.42 23.88
N GLU B 90 -2.36 -13.36 24.44
CA GLU B 90 -2.55 -13.48 25.88
C GLU B 90 -1.88 -14.75 26.38
N GLY B 91 -1.10 -14.63 27.44
CA GLY B 91 -0.32 -15.75 27.91
C GLY B 91 0.97 -16.00 27.15
N ALA B 92 1.27 -15.17 26.16
CA ALA B 92 2.54 -15.22 25.42
C ALA B 92 3.23 -13.88 25.64
N GLU B 93 3.99 -13.80 26.73
CA GLU B 93 4.40 -12.50 27.27
C GLU B 93 5.21 -11.69 26.26
N LYS B 94 6.25 -12.30 25.67
CA LYS B 94 7.12 -11.57 24.75
C LYS B 94 6.34 -11.09 23.53
N LYS B 95 5.56 -11.98 22.93
CA LYS B 95 4.79 -11.62 21.74
C LYS B 95 3.80 -10.50 22.04
N GLN B 96 3.11 -10.59 23.19
CA GLN B 96 2.10 -9.57 23.51
C GLN B 96 2.74 -8.21 23.74
N GLN B 97 3.89 -8.17 24.41
CA GLN B 97 4.50 -6.88 24.69
C GLN B 97 5.08 -6.26 23.42
N MET B 98 5.57 -7.08 22.50
CA MET B 98 6.01 -6.57 21.20
C MET B 98 4.84 -5.98 20.42
N ALA B 99 3.72 -6.70 20.35
CA ALA B 99 2.55 -6.20 19.65
C ALA B 99 2.05 -4.92 20.30
N ARG B 100 2.05 -4.86 21.63
CA ARG B 100 1.59 -3.66 22.34
C ARG B 100 2.45 -2.45 22.00
N GLU B 101 3.78 -2.62 22.01
CA GLU B 101 4.66 -1.51 21.71
C GLU B 101 4.56 -1.10 20.24
N TYR B 102 4.35 -2.06 19.35
CA TYR B 102 4.20 -1.75 17.94
C TYR B 102 2.87 -1.06 17.68
N ARG B 103 1.80 -1.50 18.35
CA ARG B 103 0.53 -0.80 18.25
C ARG B 103 0.65 0.65 18.69
N GLU B 104 1.41 0.89 19.76
CA GLU B 104 1.57 2.26 20.26
C GLU B 104 2.39 3.08 19.27
N LYS B 105 3.36 2.46 18.60
CA LYS B 105 4.10 3.16 17.55
C LYS B 105 3.18 3.55 16.41
N ILE B 106 2.31 2.63 15.98
CA ILE B 106 1.33 2.92 14.93
C ILE B 106 0.36 4.00 15.39
N GLU B 107 -0.08 3.94 16.66
CA GLU B 107 -1.04 4.91 17.16
C GLU B 107 -0.48 6.33 17.11
N THR B 108 0.82 6.48 17.44
CA THR B 108 1.44 7.79 17.39
C THR B 108 1.43 8.37 15.98
N GLU B 109 1.76 7.55 14.98
CA GLU B 109 1.65 7.99 13.59
C GLU B 109 0.22 8.40 13.28
N LEU B 110 -0.75 7.59 13.70
CA LEU B 110 -2.15 7.85 13.41
C LEU B 110 -2.62 9.15 14.06
N ARG B 111 -2.23 9.40 15.31
CA ARG B 111 -2.66 10.61 16.00
C ARG B 111 -2.10 11.85 15.33
N ASP B 112 -0.83 11.81 14.92
CA ASP B 112 -0.23 12.96 14.24
C ASP B 112 -0.95 13.28 12.94
N ILE B 113 -1.36 12.25 12.20
CA ILE B 113 -2.08 12.45 10.94
C ILE B 113 -3.41 13.16 11.19
N CYS B 114 -4.15 12.70 12.20
CA CYS B 114 -5.49 13.26 12.41
C CYS B 114 -5.42 14.62 13.08
N ASN B 115 -4.37 14.88 13.86
CA ASN B 115 -4.19 16.22 14.41
C ASN B 115 -3.85 17.22 13.32
N ASP B 116 -3.06 16.78 12.32
CA ASP B 116 -2.80 17.64 11.17
C ASP B 116 -4.08 17.98 10.42
N VAL B 117 -4.93 16.97 10.20
CA VAL B 117 -6.19 17.19 9.49
C VAL B 117 -7.11 18.09 10.32
N LEU B 118 -7.25 17.77 11.61
CA LEU B 118 -8.13 18.55 12.47
C LEU B 118 -7.63 20.00 12.58
N SER B 119 -6.33 20.20 12.50
CA SER B 119 -5.79 21.56 12.52
C SER B 119 -6.15 22.32 11.24
N LEU B 120 -6.00 21.67 10.08
CA LEU B 120 -6.42 22.28 8.83
C LEU B 120 -7.92 22.62 8.85
N LEU B 121 -8.73 21.74 9.44
CA LEU B 121 -10.17 21.99 9.48
C LEU B 121 -10.50 23.17 10.36
N GLU B 122 -9.89 23.26 11.55
CA GLU B 122 -10.20 24.34 12.48
C GLU B 122 -9.66 25.68 11.98
N LYS B 123 -8.50 25.69 11.34
CA LYS B 123 -7.84 26.94 10.99
C LYS B 123 -8.25 27.47 9.61
N PHE B 124 -8.52 26.60 8.65
CA PHE B 124 -8.81 27.04 7.28
C PHE B 124 -10.15 26.55 6.77
N LEU B 125 -10.40 25.24 6.79
CA LEU B 125 -11.49 24.67 5.99
C LEU B 125 -12.85 25.08 6.53
N ILE B 126 -13.11 24.87 7.81
CA ILE B 126 -14.41 25.18 8.39
C ILE B 126 -14.64 26.70 8.40
N PRO B 127 -13.68 27.53 8.84
CA PRO B 127 -13.93 28.98 8.80
C PRO B 127 -14.10 29.55 7.40
N ASN B 128 -13.50 28.92 6.37
CA ASN B 128 -13.60 29.45 5.03
C ASN B 128 -14.81 28.92 4.26
N ALA B 129 -15.57 27.99 4.85
CA ALA B 129 -16.67 27.36 4.13
C ALA B 129 -17.82 28.35 4.00
N SER B 130 -18.07 28.79 2.77
CA SER B 130 -19.10 29.78 2.49
C SER B 130 -20.46 29.15 2.23
N GLN B 131 -20.49 27.92 1.73
CA GLN B 131 -21.72 27.25 1.33
C GLN B 131 -22.09 26.16 2.33
N ALA B 132 -23.39 25.88 2.41
CA ALA B 132 -23.88 24.88 3.36
C ALA B 132 -23.33 23.49 3.05
N GLU B 133 -23.20 23.17 1.75
CA GLU B 133 -22.65 21.88 1.35
C GLU B 133 -21.23 21.71 1.87
N SER B 134 -20.40 22.75 1.72
CA SER B 134 -19.03 22.68 2.19
C SER B 134 -18.96 22.57 3.71
N LYS B 135 -19.80 23.33 4.42
CA LYS B 135 -19.84 23.24 5.88
C LYS B 135 -20.16 21.82 6.33
N VAL B 136 -21.15 21.19 5.69
CA VAL B 136 -21.50 19.82 6.05
C VAL B 136 -20.33 18.88 5.77
N PHE B 137 -19.69 19.06 4.61
CA PHE B 137 -18.57 18.21 4.23
C PHE B 137 -17.45 18.27 5.27
N TYR B 138 -17.04 19.48 5.65
CA TYR B 138 -15.89 19.61 6.54
C TYR B 138 -16.25 19.26 7.98
N LEU B 139 -17.47 19.60 8.43
CA LEU B 139 -17.89 19.19 9.77
C LEU B 139 -18.00 17.68 9.87
N LYS B 140 -18.46 17.02 8.80
CA LYS B 140 -18.44 15.56 8.77
C LYS B 140 -17.02 15.04 8.83
N MET B 141 -16.10 15.70 8.10
CA MET B 141 -14.69 15.32 8.13
C MET B 141 -14.11 15.48 9.53
N LYS B 142 -14.51 16.54 10.23
CA LYS B 142 -14.09 16.72 11.62
C LYS B 142 -14.59 15.58 12.49
N GLY B 143 -15.86 15.22 12.34
CA GLY B 143 -16.38 14.06 13.04
C GLY B 143 -15.63 12.78 12.71
N ASP B 144 -15.23 12.62 11.44
CA ASP B 144 -14.54 11.41 11.02
C ASP B 144 -13.20 11.28 11.73
N TYR B 145 -12.38 12.33 11.69
CA TYR B 145 -11.02 12.21 12.20
C TYR B 145 -10.97 12.24 13.72
N TYR B 146 -11.97 12.84 14.38
CA TYR B 146 -12.11 12.64 15.81
C TYR B 146 -12.55 11.23 16.13
N ARG B 147 -13.36 10.62 15.26
CA ARG B 147 -13.73 9.21 15.43
C ARG B 147 -12.50 8.31 15.35
N TYR B 148 -11.60 8.60 14.42
CA TYR B 148 -10.37 7.81 14.32
C TYR B 148 -9.50 7.98 15.57
N LEU B 149 -9.49 9.19 16.14
CA LEU B 149 -8.79 9.39 17.40
C LEU B 149 -9.43 8.59 18.52
N ALA B 150 -10.77 8.53 18.53
CA ALA B 150 -11.46 7.78 19.57
C ALA B 150 -11.19 6.28 19.47
N GLU B 151 -10.99 5.78 18.25
CA GLU B 151 -10.71 4.35 18.08
C GLU B 151 -9.46 3.91 18.83
N VAL B 152 -8.53 4.84 19.07
CA VAL B 152 -7.24 4.54 19.67
C VAL B 152 -7.00 5.33 20.96
N ALA B 153 -8.00 6.05 21.46
CA ALA B 153 -7.77 6.94 22.60
C ALA B 153 -7.59 6.17 23.90
N ALA B 154 -6.78 6.73 24.79
CA ALA B 154 -6.56 6.19 26.12
C ALA B 154 -7.82 6.35 26.98
N GLY B 155 -7.73 5.87 28.22
CA GLY B 155 -8.90 5.88 29.11
C GLY B 155 -9.43 7.27 29.40
N ASP B 156 -8.56 8.16 29.89
CA ASP B 156 -9.05 9.45 30.38
C ASP B 156 -9.25 10.47 29.27
N ASP B 157 -8.62 10.26 28.11
CA ASP B 157 -8.82 11.13 26.96
C ASP B 157 -10.08 10.81 26.18
N LYS B 158 -10.56 9.56 26.26
CA LYS B 158 -11.54 9.05 25.30
C LYS B 158 -12.83 9.86 25.30
N LYS B 159 -13.47 10.00 26.45
CA LYS B 159 -14.80 10.62 26.50
C LYS B 159 -14.80 12.01 25.86
N GLY B 160 -13.75 12.78 26.10
CA GLY B 160 -13.67 14.10 25.48
C GLY B 160 -13.54 14.01 23.98
N ILE B 161 -12.72 13.08 23.48
CA ILE B 161 -12.56 12.91 22.04
C ILE B 161 -13.88 12.44 21.43
N VAL B 162 -14.55 11.49 22.08
CA VAL B 162 -15.83 10.99 21.59
C VAL B 162 -16.85 12.13 21.50
N ASP B 163 -16.89 12.99 22.51
CA ASP B 163 -17.84 14.10 22.48
C ASP B 163 -17.53 15.08 21.37
N GLN B 164 -16.24 15.27 21.05
CA GLN B 164 -15.88 16.15 19.95
C GLN B 164 -16.35 15.62 18.61
N SER B 165 -16.18 14.31 18.38
CA SER B 165 -16.72 13.70 17.16
C SER B 165 -18.22 13.85 17.09
N GLN B 166 -18.91 13.49 18.18
CA GLN B 166 -20.38 13.55 18.20
C GLN B 166 -20.87 14.95 17.90
N GLN B 167 -20.22 15.97 18.48
CA GLN B 167 -20.68 17.34 18.29
C GLN B 167 -20.44 17.80 16.86
N ALA B 168 -19.34 17.36 16.23
CA ALA B 168 -19.10 17.71 14.83
C ALA B 168 -20.13 17.05 13.92
N TYR B 169 -20.35 15.75 14.10
CA TYR B 169 -21.37 15.05 13.32
C TYR B 169 -22.74 15.69 13.51
N GLN B 170 -23.09 16.00 14.75
CA GLN B 170 -24.43 16.52 15.04
C GLN B 170 -24.65 17.86 14.35
N GLU B 171 -23.65 18.75 14.39
CA GLU B 171 -23.80 20.03 13.72
C GLU B 171 -23.92 19.85 12.21
N ALA B 172 -23.07 19.00 11.63
CA ALA B 172 -23.22 18.66 10.22
C ALA B 172 -24.57 18.06 9.93
N PHE B 173 -25.05 17.20 10.84
CA PHE B 173 -26.33 16.51 10.64
C PHE B 173 -27.48 17.50 10.60
N GLU B 174 -27.45 18.50 11.47
CA GLU B 174 -28.55 19.47 11.51
C GLU B 174 -28.55 20.36 10.27
N ILE B 175 -27.37 20.80 9.83
CA ILE B 175 -27.29 21.61 8.61
C ILE B 175 -27.74 20.80 7.40
N SER B 176 -27.30 19.56 7.30
CA SER B 176 -27.64 18.73 6.15
C SER B 176 -29.15 18.50 6.06
N LYS B 177 -29.80 18.25 7.19
CA LYS B 177 -31.24 18.03 7.18
C LYS B 177 -32.02 19.29 6.85
N LYS B 178 -31.42 20.46 7.05
CA LYS B 178 -32.11 21.72 6.78
C LYS B 178 -31.87 22.24 5.36
N GLU B 179 -30.69 21.97 4.79
CA GLU B 179 -30.31 22.57 3.53
C GLU B 179 -30.19 21.60 2.36
N MET B 180 -30.17 20.30 2.59
CA MET B 180 -29.97 19.32 1.53
C MET B 180 -31.15 18.37 1.44
N GLN B 181 -31.37 17.83 0.24
CA GLN B 181 -32.43 16.88 0.03
C GLN B 181 -31.97 15.50 0.51
N PRO B 182 -32.91 14.64 0.90
CA PRO B 182 -32.53 13.33 1.45
C PRO B 182 -31.62 12.50 0.55
N THR B 183 -31.57 12.77 -0.75
CA THR B 183 -30.76 11.97 -1.67
C THR B 183 -29.38 12.56 -1.91
N HIS B 184 -29.06 13.70 -1.33
CA HIS B 184 -27.75 14.28 -1.55
C HIS B 184 -26.67 13.34 -1.01
N PRO B 185 -25.68 12.97 -1.82
CA PRO B 185 -24.68 12.00 -1.36
C PRO B 185 -23.89 12.45 -0.15
N ILE B 186 -23.69 13.76 0.05
CA ILE B 186 -22.99 14.22 1.23
C ILE B 186 -23.87 14.04 2.47
N ARG B 187 -25.16 14.35 2.35
CA ARG B 187 -26.09 14.07 3.44
C ARG B 187 -26.17 12.58 3.72
N LEU B 188 -26.22 11.75 2.66
CA LEU B 188 -26.27 10.31 2.85
C LEU B 188 -24.97 9.77 3.43
N GLY B 189 -23.83 10.27 2.95
CA GLY B 189 -22.56 9.83 3.50
C GLY B 189 -22.36 10.23 4.95
N LEU B 190 -22.88 11.39 5.34
CA LEU B 190 -22.83 11.79 6.74
C LEU B 190 -23.68 10.86 7.61
N ALA B 191 -24.90 10.55 7.17
CA ALA B 191 -25.74 9.61 7.91
C ALA B 191 -25.06 8.25 8.03
N LEU B 192 -24.37 7.81 6.98
CA LEU B 192 -23.65 6.54 7.04
C LEU B 192 -22.59 6.56 8.14
N ASN B 193 -21.71 7.56 8.11
CA ASN B 193 -20.63 7.62 9.08
C ASN B 193 -21.12 7.95 10.48
N PHE B 194 -22.16 8.79 10.61
CA PHE B 194 -22.73 9.07 11.92
C PHE B 194 -23.31 7.80 12.55
N SER B 195 -24.03 7.01 11.76
CA SER B 195 -24.54 5.73 12.24
C SER B 195 -23.40 4.80 12.62
N VAL B 196 -22.32 4.79 11.84
CA VAL B 196 -21.15 3.98 12.19
C VAL B 196 -20.56 4.45 13.52
N PHE B 197 -20.52 5.77 13.73
CA PHE B 197 -20.06 6.30 15.00
C PHE B 197 -20.87 5.75 16.17
N TYR B 198 -22.20 5.75 16.03
CA TYR B 198 -23.04 5.24 17.10
C TYR B 198 -22.81 3.75 17.36
N TYR B 199 -22.66 2.97 16.30
CA TYR B 199 -22.47 1.53 16.46
C TYR B 199 -21.10 1.20 17.04
N GLU B 200 -20.05 1.78 16.45
CA GLU B 200 -18.69 1.34 16.80
C GLU B 200 -18.10 2.09 17.98
N ILE B 201 -18.37 3.39 18.09
CA ILE B 201 -17.77 4.18 19.16
C ILE B 201 -18.66 4.23 20.39
N LEU B 202 -19.95 4.51 20.21
CA LEU B 202 -20.87 4.61 21.35
C LEU B 202 -21.52 3.29 21.72
N ASN B 203 -21.31 2.24 20.94
CA ASN B 203 -21.90 0.92 21.18
C ASN B 203 -23.41 1.03 21.41
N SER B 204 -24.08 1.79 20.55
CA SER B 204 -25.52 2.00 20.62
C SER B 204 -26.14 1.51 19.32
N PRO B 205 -26.32 0.20 19.17
CA PRO B 205 -26.83 -0.34 17.89
C PRO B 205 -28.22 0.14 17.53
N GLU B 206 -29.09 0.40 18.51
CA GLU B 206 -30.45 0.79 18.18
C GLU B 206 -30.50 2.19 17.59
N LYS B 207 -29.69 3.11 18.13
CA LYS B 207 -29.58 4.43 17.54
C LYS B 207 -28.87 4.39 16.20
N ALA B 208 -27.90 3.49 16.04
CA ALA B 208 -27.20 3.35 14.77
C ALA B 208 -28.17 2.87 13.69
N CYS B 209 -29.03 1.91 14.01
CA CYS B 209 -29.95 1.37 13.01
C CYS B 209 -31.09 2.34 12.74
N SER B 210 -31.52 3.09 13.77
CA SER B 210 -32.53 4.12 13.57
C SER B 210 -32.02 5.20 12.63
N LEU B 211 -30.82 5.70 12.87
CA LEU B 211 -30.24 6.73 12.02
C LEU B 211 -30.08 6.25 10.58
N ALA B 212 -29.57 5.03 10.41
CA ALA B 212 -29.36 4.50 9.07
C ALA B 212 -30.69 4.22 8.36
N LYS B 213 -31.66 3.64 9.08
CA LYS B 213 -32.94 3.33 8.46
C LYS B 213 -33.68 4.58 8.04
N THR B 214 -33.66 5.62 8.88
CA THR B 214 -34.33 6.86 8.53
C THR B 214 -33.72 7.51 7.29
N ALA B 215 -32.39 7.52 7.21
CA ALA B 215 -31.73 8.11 6.05
C ALA B 215 -32.08 7.35 4.77
N PHE B 216 -32.13 6.03 4.85
CA PHE B 216 -32.52 5.23 3.70
C PHE B 216 -33.96 5.51 3.30
N ASP B 217 -34.88 5.46 4.27
CA ASP B 217 -36.30 5.66 3.98
C ASP B 217 -36.56 7.06 3.42
N GLU B 218 -35.94 8.09 3.99
CA GLU B 218 -36.18 9.45 3.52
C GLU B 218 -35.67 9.65 2.09
N ALA B 219 -34.62 8.92 1.72
CA ALA B 219 -34.12 9.00 0.35
C ALA B 219 -35.03 8.25 -0.61
N ILE B 220 -35.59 7.12 -0.16
CA ILE B 220 -36.56 6.40 -0.98
C ILE B 220 -37.80 7.25 -1.21
N ALA B 221 -38.25 8.00 -0.19
CA ALA B 221 -39.45 8.80 -0.35
C ALA B 221 -39.24 9.90 -1.39
N GLU B 222 -38.02 10.38 -1.52
CA GLU B 222 -37.65 11.44 -2.45
C GLU B 222 -36.63 10.91 -3.46
N LEU B 223 -37.06 10.10 -4.42
CA LEU B 223 -36.12 9.72 -5.46
C LEU B 223 -36.14 10.71 -6.60
N ASP B 224 -37.01 11.73 -6.56
CA ASP B 224 -37.05 12.69 -7.66
C ASP B 224 -35.90 13.69 -7.60
N THR B 225 -35.11 13.69 -6.53
CA THR B 225 -34.05 14.69 -6.37
C THR B 225 -32.69 14.06 -6.65
N LEU B 226 -32.57 13.57 -7.88
CA LEU B 226 -31.38 12.89 -8.32
C LEU B 226 -30.87 13.55 -9.59
N SER B 227 -29.56 13.78 -9.63
CA SER B 227 -28.86 14.29 -10.80
C SER B 227 -28.05 13.17 -11.44
N GLU B 228 -27.87 13.26 -12.77
CA GLU B 228 -27.07 12.28 -13.49
C GLU B 228 -25.68 12.16 -12.90
N GLU B 229 -25.11 13.29 -12.44
CA GLU B 229 -23.74 13.26 -11.93
C GLU B 229 -23.63 12.47 -10.64
N SER B 230 -24.67 12.45 -9.81
CA SER B 230 -24.55 11.88 -8.48
C SER B 230 -25.61 10.83 -8.13
N TYR B 231 -26.53 10.49 -9.04
CA TYR B 231 -27.55 9.51 -8.68
C TYR B 231 -26.90 8.16 -8.45
N LYS B 232 -25.77 7.92 -9.12
CA LYS B 232 -25.03 6.68 -8.92
C LYS B 232 -24.45 6.63 -7.52
N ASP B 233 -23.86 7.75 -7.09
CA ASP B 233 -23.24 7.85 -5.78
C ASP B 233 -24.26 7.77 -4.64
N SER B 234 -25.48 8.29 -4.86
CA SER B 234 -26.47 8.26 -3.79
C SER B 234 -27.05 6.86 -3.60
N THR B 235 -27.19 6.10 -4.69
CA THR B 235 -27.68 4.74 -4.56
C THR B 235 -26.63 3.80 -3.99
N LEU B 236 -25.35 4.08 -4.28
CA LEU B 236 -24.28 3.27 -3.67
C LEU B 236 -24.23 3.44 -2.17
N ILE B 237 -24.37 4.69 -1.68
CA ILE B 237 -24.39 4.91 -0.23
C ILE B 237 -25.63 4.28 0.39
N MET B 238 -26.78 4.38 -0.30
CA MET B 238 -27.99 3.77 0.21
C MET B 238 -27.83 2.27 0.39
N GLN B 239 -27.14 1.60 -0.53
CA GLN B 239 -26.88 0.18 -0.39
C GLN B 239 -25.97 -0.10 0.80
N LEU B 240 -24.98 0.77 1.02
CA LEU B 240 -24.12 0.62 2.20
C LEU B 240 -24.90 0.80 3.49
N LEU B 241 -25.78 1.81 3.53
CA LEU B 241 -26.64 2.01 4.69
C LEU B 241 -27.44 0.75 5.02
N ARG B 242 -28.07 0.15 4.00
CA ARG B 242 -28.89 -1.03 4.26
C ARG B 242 -28.03 -2.25 4.59
N ASP B 243 -26.85 -2.37 3.99
CA ASP B 243 -25.95 -3.47 4.32
C ASP B 243 -25.56 -3.42 5.80
N ASN B 244 -25.22 -2.23 6.30
CA ASN B 244 -24.95 -2.08 7.72
C ASN B 244 -26.18 -2.41 8.54
N LEU B 245 -27.35 -1.92 8.11
CA LEU B 245 -28.61 -2.23 8.77
C LEU B 245 -28.81 -3.73 8.90
N THR B 246 -28.53 -4.47 7.83
CA THR B 246 -28.69 -5.93 7.86
C THR B 246 -27.69 -6.58 8.79
N LEU B 247 -26.45 -6.09 8.79
CA LEU B 247 -25.41 -6.67 9.64
C LEU B 247 -25.68 -6.40 11.11
N TRP B 248 -26.10 -5.18 11.44
CA TRP B 248 -26.32 -4.81 12.83
C TRP B 248 -27.58 -5.45 13.41
N THR B 249 -28.49 -5.88 12.55
CA THR B 249 -29.73 -6.53 12.97
C THR B 249 -29.52 -8.01 13.30
N SER B 250 -28.46 -8.62 12.79
CA SER B 250 -28.17 -10.02 13.07
C SER B 250 -27.86 -10.25 14.54
N ARG C 2 2.32 -3.85 -17.68
CA ARG C 2 3.23 -4.97 -17.89
C ARG C 2 2.58 -6.30 -17.51
N ARG C 3 2.44 -7.18 -18.50
CA ARG C 3 1.84 -8.49 -18.28
C ARG C 3 2.87 -9.57 -18.04
N THR C 4 4.15 -9.28 -18.30
CA THR C 4 5.21 -10.22 -18.00
C THR C 4 5.39 -10.35 -16.50
N ASN C 5 5.61 -11.57 -16.03
CA ASN C 5 5.72 -11.81 -14.59
C ASN C 5 7.10 -12.33 -14.21
N ASP C 7 9.50 -13.63 -10.51
CA ASP C 7 9.29 -14.49 -9.34
C ASP C 7 8.60 -13.73 -8.21
N SER C 8 8.73 -12.41 -8.22
CA SER C 8 8.12 -11.56 -7.20
C SER C 8 6.61 -11.74 -7.10
N ALA C 9 5.95 -12.20 -8.16
CA ALA C 9 4.51 -12.43 -8.13
C ALA C 9 4.10 -13.53 -7.14
N LEU C 10 5.05 -14.22 -6.51
CA LEU C 10 4.72 -15.31 -5.60
C LEU C 10 5.13 -15.04 -4.16
N HIS C 11 5.54 -13.83 -3.81
CA HIS C 11 5.99 -13.57 -2.45
C HIS C 11 5.45 -12.26 -1.89
N ARG D 2 -13.73 -6.64 10.55
CA ARG D 2 -14.77 -5.62 10.58
C ARG D 2 -15.55 -5.60 9.27
N ARG D 3 -16.84 -5.91 9.36
CA ARG D 3 -17.72 -5.91 8.20
C ARG D 3 -18.54 -4.64 8.05
N THR D 4 -18.58 -3.80 9.09
CA THR D 4 -19.29 -2.54 8.99
C THR D 4 -18.56 -1.60 8.05
N ASN D 5 -19.31 -0.85 7.25
CA ASN D 5 -18.73 0.00 6.24
C ASN D 5 -19.04 1.47 6.53
N ASP D 7 -18.10 5.58 4.86
CA ASP D 7 -18.09 6.20 3.54
C ASP D 7 -16.81 5.88 2.77
N SER D 8 -15.75 5.55 3.50
CA SER D 8 -14.47 5.21 2.89
C SER D 8 -14.58 4.03 1.93
N ALA D 9 -15.60 3.20 2.06
CA ALA D 9 -15.84 2.07 1.16
C ALA D 9 -16.10 2.52 -0.27
N LEU D 10 -16.20 3.83 -0.50
CA LEU D 10 -16.47 4.35 -1.82
C LEU D 10 -15.29 5.17 -2.34
#